data_6QVT
#
_entry.id   6QVT
#
_cell.length_a   136.661
_cell.length_b   93.921
_cell.length_c   63.718
_cell.angle_alpha   90.000
_cell.angle_beta   94.390
_cell.angle_gamma   90.000
#
_symmetry.space_group_name_H-M   'C 1 2 1'
#
loop_
_entity.id
_entity.type
_entity.pdbx_description
1 polymer 'Beta-galactoside alpha-2,6-sialyltransferase 1'
2 non-polymer "CYTIDINE-5'-MONOPHOSPHATE-5-N-ACETYLNEURAMINIC ACID"
3 non-polymer DI(HYDROXYETHYL)ETHER
4 water water
#
_entity_poly.entity_id   1
_entity_poly.type   'polypeptide(L)'
_entity_poly.pdbx_seq_one_letter_code
;GIKFSAEALRCHLRDHVNVSMVEVTDFPFNTSEWEGYLPKESIRTKAGPWGRCAVVSSAGSLKSSQLGREIDDHDAVLRF
NGAPTANFQQDVGTKTTIRLMNSQLVTTEKRFLKDSLYNEGILIVWDPSVYHSDIPKWYQNPDYNFFNNYKTYRKLHPNQ
PFYILKPQMPWELWDILQEISPEEIQPNPPSSGMLGIIIMMTLCDQVDIYEFLPSKRKTDVCYYYQKFFDSACTMGAYHP
LLYEKNLVKHLNQGTDEDIYLLGKATLPGFRTIHC
;
_entity_poly.pdbx_strand_id   A,B
#
loop_
_chem_comp.id
_chem_comp.type
_chem_comp.name
_chem_comp.formula
NCC non-polymer 'CYTIDINE-5'-MONOPHOSPHATE-5-N-ACETYLNEURAMINIC ACID' 'C20 H31 N4 O16 P'
PEG non-polymer DI(HYDROXYETHYL)ETHER 'C4 H10 O3'
#
# COMPACT_ATOMS: atom_id res chain seq x y z
N GLY A 1 -20.51 16.12 -0.24
CA GLY A 1 -20.73 15.78 -1.63
C GLY A 1 -19.52 16.03 -2.52
N ILE A 2 -19.59 15.53 -3.75
CA ILE A 2 -18.53 15.75 -4.73
C ILE A 2 -18.57 17.20 -5.18
N LYS A 3 -17.39 17.83 -5.28
CA LYS A 3 -17.34 19.26 -5.55
C LYS A 3 -17.40 19.58 -7.05
N PHE A 4 -16.93 18.69 -7.91
CA PHE A 4 -16.91 18.95 -9.34
C PHE A 4 -18.09 18.30 -10.04
N SER A 5 -18.39 18.81 -11.23
CA SER A 5 -19.48 18.26 -12.02
C SER A 5 -19.04 16.96 -12.70
N ALA A 6 -20.03 16.21 -13.20
CA ALA A 6 -19.74 15.00 -13.95
C ALA A 6 -18.85 15.30 -15.14
N GLU A 7 -19.18 16.34 -15.90
CA GLU A 7 -18.39 16.68 -17.08
C GLU A 7 -16.96 17.04 -16.70
N ALA A 8 -16.78 17.78 -15.61
CA ALA A 8 -15.43 18.15 -15.18
C ALA A 8 -14.68 16.93 -14.65
N LEU A 9 -15.36 16.07 -13.90
CA LEU A 9 -14.73 14.87 -13.38
C LEU A 9 -14.27 13.95 -14.50
N ARG A 10 -15.09 13.80 -15.54
CA ARG A 10 -14.69 12.99 -16.69
C ARG A 10 -13.44 13.53 -17.35
N CYS A 11 -13.35 14.87 -17.48
CA CYS A 11 -12.15 15.47 -18.05
C CYS A 11 -10.94 15.28 -17.15
N HIS A 12 -11.13 15.42 -15.84
CA HIS A 12 -10.04 15.18 -14.90
C HIS A 12 -9.53 13.74 -15.00
N LEU A 13 -10.45 12.78 -15.11
CA LEU A 13 -10.04 11.38 -15.27
C LEU A 13 -9.30 11.18 -16.58
N ARG A 14 -9.82 11.75 -17.67
CA ARG A 14 -9.19 11.59 -18.97
C ARG A 14 -7.76 12.14 -18.97
N ASP A 15 -7.54 13.24 -18.25
CA ASP A 15 -6.26 13.95 -18.31
C ASP A 15 -5.25 13.46 -17.28
N HIS A 16 -5.70 12.97 -16.12
CA HIS A 16 -4.78 12.61 -15.05
C HIS A 16 -4.43 11.13 -15.02
N VAL A 17 -5.26 10.27 -15.61
CA VAL A 17 -5.08 8.83 -15.52
C VAL A 17 -4.57 8.34 -16.86
N ASN A 18 -3.35 7.81 -16.88
CA ASN A 18 -2.73 7.32 -18.11
C ASN A 18 -3.02 5.83 -18.24
N VAL A 19 -4.02 5.48 -19.05
CA VAL A 19 -4.39 4.07 -19.21
C VAL A 19 -3.45 3.47 -20.24
N SER A 20 -2.37 2.84 -19.79
CA SER A 20 -1.45 2.22 -20.73
C SER A 20 -0.81 1.01 -20.08
N MET A 21 -0.30 0.14 -20.94
CA MET A 21 0.31 -1.13 -20.58
C MET A 21 1.82 -1.00 -20.61
N VAL A 22 2.48 -1.86 -19.83
CA VAL A 22 3.93 -1.96 -19.90
C VAL A 22 4.33 -2.35 -21.32
N GLU A 23 5.33 -1.66 -21.86
CA GLU A 23 5.78 -1.90 -23.23
C GLU A 23 7.17 -2.51 -23.24
N VAL A 24 7.51 -3.13 -24.39
CA VAL A 24 8.80 -3.78 -24.53
C VAL A 24 9.96 -2.80 -24.43
N THR A 25 9.67 -1.49 -24.47
CA THR A 25 10.68 -0.45 -24.33
C THR A 25 10.81 0.10 -22.92
N ASP A 26 10.00 -0.37 -21.97
CA ASP A 26 10.07 0.04 -20.57
C ASP A 26 11.08 -0.83 -19.83
N PHE A 27 12.18 -0.23 -19.38
CA PHE A 27 13.14 -0.97 -18.59
C PHE A 27 12.47 -1.43 -17.30
N PRO A 28 12.67 -2.69 -16.86
CA PRO A 28 13.56 -3.73 -17.38
C PRO A 28 12.91 -4.76 -18.29
N PHE A 29 11.80 -4.41 -18.94
CA PHE A 29 11.17 -5.37 -19.83
C PHE A 29 11.82 -5.40 -21.20
N ASN A 30 12.89 -4.61 -21.39
CA ASN A 30 13.74 -4.69 -22.58
C ASN A 30 15.02 -5.46 -22.31
N THR A 31 15.11 -6.18 -21.20
CA THR A 31 16.25 -7.02 -20.91
C THR A 31 16.10 -8.37 -21.63
N SER A 32 17.23 -9.07 -21.78
CA SER A 32 17.22 -10.35 -22.45
CA SER A 32 17.23 -10.36 -22.44
C SER A 32 16.25 -11.32 -21.77
N GLU A 33 16.21 -11.29 -20.43
CA GLU A 33 15.31 -12.14 -19.65
C GLU A 33 13.85 -11.98 -20.06
N TRP A 34 13.47 -10.84 -20.63
CA TRP A 34 12.09 -10.56 -20.98
C TRP A 34 11.82 -10.59 -22.47
N GLU A 35 12.83 -10.85 -23.29
CA GLU A 35 12.64 -10.82 -24.74
C GLU A 35 11.55 -11.79 -25.18
N GLY A 36 10.64 -11.29 -26.01
CA GLY A 36 9.60 -12.10 -26.60
C GLY A 36 8.35 -12.25 -25.76
N TYR A 37 8.35 -11.80 -24.51
CA TYR A 37 7.22 -12.10 -23.63
C TYR A 37 6.07 -11.12 -23.79
N LEU A 38 6.33 -9.82 -23.80
CA LEU A 38 5.24 -8.86 -23.80
C LEU A 38 4.64 -8.71 -25.18
N PRO A 39 3.35 -8.38 -25.29
CA PRO A 39 2.80 -8.02 -26.60
C PRO A 39 3.52 -6.82 -27.19
N LYS A 40 3.90 -6.95 -28.48
CA LYS A 40 4.57 -5.86 -29.15
C LYS A 40 3.55 -4.90 -29.77
N GLU A 41 2.39 -5.41 -30.12
CA GLU A 41 1.32 -4.58 -30.62
C GLU A 41 0.52 -4.02 -29.45
N SER A 42 0.23 -2.73 -29.52
CA SER A 42 -0.52 -2.07 -28.47
C SER A 42 -1.87 -2.76 -28.27
N ILE A 43 -2.39 -2.69 -27.05
CA ILE A 43 -3.73 -3.22 -26.83
C ILE A 43 -4.75 -2.49 -27.70
N ARG A 44 -4.46 -1.23 -28.07
CA ARG A 44 -5.43 -0.48 -28.87
C ARG A 44 -5.58 -1.03 -30.29
N THR A 45 -4.69 -1.91 -30.74
CA THR A 45 -4.87 -2.57 -32.03
C THR A 45 -5.55 -3.92 -31.92
N LYS A 46 -5.61 -4.51 -30.73
CA LYS A 46 -6.40 -5.71 -30.53
C LYS A 46 -7.77 -5.42 -29.95
N ALA A 47 -7.92 -4.32 -29.23
CA ALA A 47 -9.12 -4.04 -28.45
C ALA A 47 -9.79 -2.80 -29.03
N GLY A 48 -10.77 -3.00 -29.89
CA GLY A 48 -11.59 -1.92 -30.36
C GLY A 48 -10.91 -1.10 -31.44
N PRO A 49 -11.28 0.18 -31.57
CA PRO A 49 -12.27 0.89 -30.75
C PRO A 49 -13.67 0.34 -30.93
N TRP A 50 -14.45 0.39 -29.86
CA TRP A 50 -15.75 -0.22 -29.82
C TRP A 50 -16.81 0.84 -29.59
N GLY A 51 -18.03 0.54 -30.02
CA GLY A 51 -19.15 1.44 -29.80
C GLY A 51 -19.78 1.31 -28.42
N ARG A 52 -20.39 0.17 -28.12
CA ARG A 52 -21.07 -0.06 -26.86
C ARG A 52 -20.40 -1.22 -26.14
N CYS A 53 -20.01 -1.03 -24.89
CA CYS A 53 -19.32 -2.06 -24.12
C CYS A 53 -20.03 -2.31 -22.80
N ALA A 54 -19.83 -3.52 -22.26
CA ALA A 54 -20.34 -3.90 -20.96
C ALA A 54 -19.16 -4.16 -20.03
N VAL A 55 -19.32 -3.72 -18.77
CA VAL A 55 -18.45 -4.13 -17.68
C VAL A 55 -19.32 -4.92 -16.72
N VAL A 56 -18.94 -6.17 -16.46
CA VAL A 56 -19.72 -7.05 -15.60
C VAL A 56 -19.00 -7.20 -14.27
N SER A 57 -19.60 -6.64 -13.22
CA SER A 57 -19.04 -6.83 -11.89
CA SER A 57 -19.07 -6.82 -11.88
C SER A 57 -19.11 -8.32 -11.52
N SER A 58 -18.41 -8.67 -10.44
CA SER A 58 -18.51 -10.05 -9.96
C SER A 58 -19.48 -10.17 -8.79
N ALA A 59 -20.28 -9.14 -8.52
CA ALA A 59 -21.12 -9.09 -7.32
C ALA A 59 -22.14 -10.22 -7.26
N GLY A 60 -22.50 -10.59 -6.03
CA GLY A 60 -23.50 -11.63 -5.86
C GLY A 60 -24.86 -11.24 -6.37
N SER A 61 -25.15 -9.93 -6.46
CA SER A 61 -26.44 -9.47 -6.95
C SER A 61 -26.66 -9.74 -8.44
N LEU A 62 -25.65 -10.26 -9.15
CA LEU A 62 -25.87 -10.75 -10.51
C LEU A 62 -26.58 -12.08 -10.54
N LYS A 63 -26.47 -12.87 -9.47
CA LYS A 63 -27.16 -14.14 -9.43
C LYS A 63 -28.67 -13.89 -9.44
N SER A 64 -29.36 -14.59 -10.34
CA SER A 64 -30.79 -14.47 -10.61
C SER A 64 -31.17 -13.16 -11.28
N SER A 65 -30.19 -12.37 -11.74
CA SER A 65 -30.52 -11.10 -12.39
C SER A 65 -31.08 -11.27 -13.78
N GLN A 66 -30.79 -12.40 -14.45
CA GLN A 66 -31.24 -12.64 -15.82
C GLN A 66 -30.76 -11.53 -16.77
N LEU A 67 -29.56 -11.01 -16.52
CA LEU A 67 -29.01 -9.93 -17.32
C LEU A 67 -28.20 -10.40 -18.54
N GLY A 68 -28.21 -11.71 -18.84
CA GLY A 68 -27.31 -12.23 -19.85
C GLY A 68 -27.51 -11.66 -21.25
N ARG A 69 -28.77 -11.55 -21.68
CA ARG A 69 -29.01 -11.00 -23.02
C ARG A 69 -28.65 -9.52 -23.08
N GLU A 70 -28.96 -8.78 -22.02
CA GLU A 70 -28.61 -7.37 -21.93
C GLU A 70 -27.09 -7.18 -21.99
N ILE A 71 -26.35 -8.01 -21.27
CA ILE A 71 -24.89 -7.91 -21.28
C ILE A 71 -24.34 -8.28 -22.65
N ASP A 72 -24.81 -9.39 -23.23
CA ASP A 72 -24.27 -9.86 -24.51
C ASP A 72 -24.55 -8.89 -25.66
N ASP A 73 -25.54 -8.01 -25.52
CA ASP A 73 -25.88 -7.06 -26.58
C ASP A 73 -24.94 -5.84 -26.53
N HIS A 74 -23.65 -6.13 -26.71
CA HIS A 74 -22.60 -5.12 -26.70
C HIS A 74 -21.50 -5.59 -27.65
N ASP A 75 -20.66 -4.62 -28.08
CA ASP A 75 -19.54 -4.98 -28.94
C ASP A 75 -18.45 -5.71 -28.16
N ALA A 76 -18.32 -5.42 -26.87
CA ALA A 76 -17.26 -6.00 -26.05
C ALA A 76 -17.75 -6.09 -24.62
N VAL A 77 -17.27 -7.12 -23.90
CA VAL A 77 -17.62 -7.34 -22.50
C VAL A 77 -16.34 -7.55 -21.71
N LEU A 78 -16.19 -6.83 -20.59
CA LEU A 78 -15.05 -7.00 -19.71
C LEU A 78 -15.50 -7.69 -18.43
N ARG A 79 -14.71 -8.65 -17.96
CA ARG A 79 -14.98 -9.39 -16.73
C ARG A 79 -13.72 -9.39 -15.89
N PHE A 80 -13.82 -9.91 -14.68
CA PHE A 80 -12.74 -9.78 -13.71
C PHE A 80 -12.30 -11.12 -13.15
N ASN A 81 -10.98 -11.24 -12.95
CA ASN A 81 -10.36 -12.31 -12.15
C ASN A 81 -10.87 -13.66 -12.67
N GLY A 82 -11.39 -14.54 -11.82
CA GLY A 82 -11.82 -15.86 -12.29
C GLY A 82 -13.31 -15.98 -12.50
N ALA A 83 -13.99 -14.86 -12.68
CA ALA A 83 -15.45 -14.90 -12.83
C ALA A 83 -15.87 -15.71 -14.05
N PRO A 84 -16.71 -16.76 -13.88
CA PRO A 84 -17.04 -17.64 -15.00
C PRO A 84 -18.33 -17.25 -15.73
N THR A 85 -18.45 -17.65 -16.99
CA THR A 85 -19.74 -17.58 -17.66
C THR A 85 -20.46 -18.92 -17.62
N ALA A 86 -19.72 -20.03 -17.66
CA ALA A 86 -20.36 -21.35 -17.63
C ALA A 86 -21.19 -21.53 -16.38
N ASN A 87 -22.39 -22.09 -16.56
CA ASN A 87 -23.42 -22.30 -15.55
C ASN A 87 -24.08 -21.01 -15.10
N PHE A 88 -23.71 -19.86 -15.66
CA PHE A 88 -24.27 -18.58 -15.25
C PHE A 88 -24.70 -17.73 -16.43
N GLN A 89 -24.74 -18.29 -17.65
CA GLN A 89 -24.89 -17.47 -18.85
C GLN A 89 -26.20 -16.69 -18.84
N GLN A 90 -27.25 -17.25 -18.26
CA GLN A 90 -28.52 -16.54 -18.26
C GLN A 90 -28.45 -15.27 -17.41
N ASP A 91 -27.53 -15.21 -16.43
CA ASP A 91 -27.40 -14.07 -15.54
C ASP A 91 -26.31 -13.10 -16.00
N VAL A 92 -25.18 -13.60 -16.49
CA VAL A 92 -24.00 -12.76 -16.73
C VAL A 92 -23.56 -12.74 -18.17
N GLY A 93 -24.27 -13.46 -19.07
CA GLY A 93 -23.90 -13.44 -20.47
C GLY A 93 -22.93 -14.54 -20.85
N THR A 94 -22.55 -14.53 -22.14
CA THR A 94 -21.67 -15.55 -22.70
C THR A 94 -20.35 -15.00 -23.21
N LYS A 95 -20.26 -13.71 -23.52
CA LYS A 95 -19.09 -13.14 -24.18
C LYS A 95 -18.06 -12.71 -23.15
N THR A 96 -16.79 -12.96 -23.43
CA THR A 96 -15.68 -12.38 -22.66
C THR A 96 -14.65 -11.82 -23.63
N THR A 97 -14.58 -10.50 -23.71
CA THR A 97 -13.66 -9.85 -24.64
C THR A 97 -12.34 -9.49 -23.97
N ILE A 98 -12.42 -8.95 -22.75
CA ILE A 98 -11.26 -8.61 -21.95
C ILE A 98 -11.48 -9.17 -20.56
N ARG A 99 -10.42 -9.68 -19.94
CA ARG A 99 -10.51 -10.17 -18.57
C ARG A 99 -9.38 -9.51 -17.80
N LEU A 100 -9.74 -8.71 -16.80
CA LEU A 100 -8.76 -7.99 -16.00
C LEU A 100 -8.57 -8.76 -14.71
N MET A 101 -7.32 -9.11 -14.40
CA MET A 101 -6.98 -9.94 -13.25
C MET A 101 -6.01 -9.22 -12.35
N ASN A 102 -6.16 -9.43 -11.03
CA ASN A 102 -5.14 -8.90 -10.12
C ASN A 102 -3.98 -9.90 -10.00
N SER A 103 -2.85 -9.39 -9.49
CA SER A 103 -1.64 -10.21 -9.46
C SER A 103 -1.71 -11.30 -8.39
N GLN A 104 -2.58 -11.13 -7.40
CA GLN A 104 -2.80 -12.19 -6.42
C GLN A 104 -3.30 -13.46 -7.12
N LEU A 105 -4.25 -13.30 -8.03
CA LEU A 105 -4.77 -14.47 -8.75
CA LEU A 105 -4.77 -14.47 -8.76
C LEU A 105 -3.66 -15.11 -9.57
N VAL A 106 -2.96 -14.32 -10.38
CA VAL A 106 -1.94 -14.88 -11.26
C VAL A 106 -0.84 -15.55 -10.46
N THR A 107 -0.54 -15.02 -9.27
CA THR A 107 0.57 -15.55 -8.47
C THR A 107 0.17 -16.80 -7.68
N THR A 108 -1.03 -16.84 -7.08
CA THR A 108 -1.34 -17.83 -6.07
C THR A 108 -2.45 -18.82 -6.44
N GLU A 109 -3.23 -18.56 -7.49
CA GLU A 109 -4.35 -19.43 -7.85
C GLU A 109 -3.87 -20.47 -8.86
N LYS A 110 -3.77 -21.73 -8.42
CA LYS A 110 -3.27 -22.78 -9.30
C LYS A 110 -4.15 -22.95 -10.53
N ARG A 111 -5.44 -22.62 -10.42
CA ARG A 111 -6.34 -22.77 -11.55
C ARG A 111 -6.05 -21.79 -12.68
N PHE A 112 -5.26 -20.73 -12.43
CA PHE A 112 -4.93 -19.82 -13.53
C PHE A 112 -4.21 -20.54 -14.66
N LEU A 113 -3.33 -21.48 -14.31
CA LEU A 113 -2.60 -22.21 -15.33
C LEU A 113 -3.29 -23.48 -15.79
N LYS A 114 -4.47 -23.80 -15.24
CA LYS A 114 -5.17 -25.04 -15.59
C LYS A 114 -6.53 -24.82 -16.23
N ASP A 115 -7.29 -23.82 -15.78
CA ASP A 115 -8.68 -23.68 -16.20
C ASP A 115 -8.77 -23.03 -17.58
N SER A 116 -9.59 -23.61 -18.46
CA SER A 116 -9.68 -23.07 -19.80
C SER A 116 -10.44 -21.74 -19.87
N LEU A 117 -11.12 -21.32 -18.79
CA LEU A 117 -11.84 -20.05 -18.87
C LEU A 117 -10.91 -18.89 -19.17
N TYR A 118 -9.64 -18.97 -18.74
CA TYR A 118 -8.71 -17.87 -18.97
C TYR A 118 -8.26 -17.75 -20.41
N ASN A 119 -8.54 -18.74 -21.26
CA ASN A 119 -7.95 -18.79 -22.60
C ASN A 119 -8.72 -17.94 -23.61
N GLU A 120 -9.87 -17.41 -23.22
CA GLU A 120 -10.72 -16.59 -24.09
C GLU A 120 -10.38 -15.11 -23.93
N GLY A 121 -10.41 -14.37 -25.04
CA GLY A 121 -10.31 -12.94 -24.99
C GLY A 121 -8.90 -12.40 -24.72
N ILE A 122 -8.86 -11.12 -24.41
CA ILE A 122 -7.62 -10.42 -24.09
C ILE A 122 -7.45 -10.40 -22.57
N LEU A 123 -6.26 -10.76 -22.08
CA LEU A 123 -5.98 -10.74 -20.65
C LEU A 123 -5.18 -9.49 -20.27
N ILE A 124 -5.47 -8.96 -19.08
CA ILE A 124 -4.65 -7.89 -18.48
C ILE A 124 -4.44 -8.28 -17.03
N VAL A 125 -3.20 -8.22 -16.57
CA VAL A 125 -2.90 -8.39 -15.15
C VAL A 125 -2.41 -7.06 -14.61
N TRP A 126 -2.79 -6.72 -13.38
CA TRP A 126 -2.27 -5.54 -12.72
C TRP A 126 -1.81 -5.89 -11.31
N ASP A 127 -0.91 -5.06 -10.79
CA ASP A 127 -0.29 -5.31 -9.50
C ASP A 127 -0.15 -3.95 -8.83
N PRO A 128 -0.57 -3.82 -7.56
CA PRO A 128 -0.41 -2.53 -6.86
C PRO A 128 1.04 -2.30 -6.45
N SER A 129 1.60 -1.19 -6.91
CA SER A 129 2.94 -0.78 -6.51
C SER A 129 2.89 0.11 -5.27
N VAL A 130 4.08 0.40 -4.73
CA VAL A 130 4.19 1.51 -3.80
C VAL A 130 3.75 2.79 -4.51
N TYR A 131 3.00 3.63 -3.81
CA TYR A 131 2.55 4.90 -4.38
C TYR A 131 3.73 5.73 -4.88
N HIS A 132 3.58 6.27 -6.10
CA HIS A 132 4.56 7.12 -6.79
C HIS A 132 5.78 6.36 -7.29
N SER A 133 5.76 5.03 -7.31
CA SER A 133 6.90 4.29 -7.84
CA SER A 133 6.88 4.25 -7.84
C SER A 133 6.88 4.27 -9.36
N ASP A 134 8.07 4.26 -9.96
CA ASP A 134 8.14 4.08 -11.39
C ASP A 134 8.27 2.59 -11.69
N ILE A 135 8.41 2.25 -12.97
CA ILE A 135 8.37 0.83 -13.34
C ILE A 135 9.60 0.10 -12.80
N PRO A 136 10.82 0.64 -12.92
CA PRO A 136 11.97 -0.10 -12.35
C PRO A 136 11.87 -0.33 -10.85
N LYS A 137 11.36 0.63 -10.08
CA LYS A 137 11.23 0.43 -8.63
C LYS A 137 10.16 -0.58 -8.31
N TRP A 138 9.03 -0.50 -9.01
CA TRP A 138 7.95 -1.45 -8.81
C TRP A 138 8.41 -2.87 -9.12
N TYR A 139 9.18 -3.03 -10.20
CA TYR A 139 9.61 -4.36 -10.61
C TYR A 139 10.41 -5.05 -9.51
N GLN A 140 11.18 -4.28 -8.75
CA GLN A 140 11.98 -4.84 -7.67
C GLN A 140 11.15 -5.24 -6.46
N ASN A 141 9.91 -4.77 -6.34
CA ASN A 141 9.08 -5.10 -5.17
C ASN A 141 7.60 -5.02 -5.56
N PRO A 142 7.14 -5.93 -6.40
CA PRO A 142 5.71 -6.01 -6.67
C PRO A 142 4.96 -6.47 -5.43
N ASP A 143 3.65 -6.15 -5.39
CA ASP A 143 2.80 -6.65 -4.32
C ASP A 143 2.80 -8.18 -4.29
N TYR A 144 2.55 -8.81 -5.43
CA TYR A 144 2.69 -10.24 -5.64
C TYR A 144 3.66 -10.46 -6.78
N ASN A 145 4.58 -11.40 -6.62
CA ASN A 145 5.57 -11.63 -7.68
C ASN A 145 4.96 -12.53 -8.73
N PHE A 146 4.19 -11.91 -9.63
CA PHE A 146 3.40 -12.63 -10.62
C PHE A 146 4.19 -12.92 -11.89
N PHE A 147 5.44 -12.48 -11.97
CA PHE A 147 6.16 -12.46 -13.25
C PHE A 147 6.43 -13.87 -13.76
N ASN A 148 6.77 -14.80 -12.87
CA ASN A 148 7.06 -16.16 -13.32
C ASN A 148 5.81 -16.83 -13.88
N ASN A 149 4.66 -16.68 -13.22
CA ASN A 149 3.45 -17.31 -13.75
C ASN A 149 2.94 -16.58 -14.99
N TYR A 150 3.17 -15.27 -15.08
CA TYR A 150 2.92 -14.58 -16.35
C TYR A 150 3.71 -15.22 -17.48
N LYS A 151 5.00 -15.46 -17.26
CA LYS A 151 5.85 -16.02 -18.30
C LYS A 151 5.42 -17.44 -18.65
N THR A 152 5.06 -18.23 -17.64
CA THR A 152 4.60 -19.60 -17.87
C THR A 152 3.33 -19.61 -18.70
N TYR A 153 2.37 -18.77 -18.34
CA TYR A 153 1.15 -18.68 -19.13
C TYR A 153 1.44 -18.23 -20.57
N ARG A 154 2.32 -17.25 -20.75
CA ARG A 154 2.67 -16.82 -22.10
C ARG A 154 3.23 -17.98 -22.92
N LYS A 155 4.04 -18.83 -22.30
CA LYS A 155 4.63 -19.95 -23.02
C LYS A 155 3.57 -21.00 -23.36
N LEU A 156 2.62 -21.22 -22.45
CA LEU A 156 1.55 -22.18 -22.71
C LEU A 156 0.54 -21.65 -23.71
N HIS A 157 0.38 -20.33 -23.80
CA HIS A 157 -0.64 -19.70 -24.64
C HIS A 157 -0.03 -18.53 -25.39
N PRO A 158 0.91 -18.81 -26.30
CA PRO A 158 1.70 -17.73 -26.90
C PRO A 158 0.89 -16.75 -27.73
N ASN A 159 -0.25 -17.17 -28.27
CA ASN A 159 -1.02 -16.32 -29.18
C ASN A 159 -2.24 -15.71 -28.52
N GLN A 160 -2.34 -15.76 -27.18
CA GLN A 160 -3.38 -15.01 -26.50
C GLN A 160 -2.79 -13.68 -26.02
N PRO A 161 -3.33 -12.54 -26.42
CA PRO A 161 -2.80 -11.26 -25.95
C PRO A 161 -2.98 -11.16 -24.44
N PHE A 162 -1.89 -10.79 -23.76
CA PHE A 162 -1.82 -10.80 -22.29
C PHE A 162 -0.93 -9.63 -21.90
N TYR A 163 -1.56 -8.54 -21.44
CA TYR A 163 -0.88 -7.30 -21.12
C TYR A 163 -0.69 -7.15 -19.61
N ILE A 164 0.28 -6.30 -19.24
CA ILE A 164 0.51 -5.89 -17.85
C ILE A 164 0.20 -4.40 -17.76
N LEU A 165 -0.72 -4.03 -16.87
CA LEU A 165 -1.04 -2.63 -16.66
C LEU A 165 0.14 -1.88 -16.03
N LYS A 166 0.41 -0.67 -16.51
CA LYS A 166 1.46 0.11 -15.86
C LYS A 166 1.09 0.38 -14.40
N PRO A 167 2.07 0.35 -13.49
CA PRO A 167 1.75 0.48 -12.06
C PRO A 167 1.25 1.85 -11.68
N GLN A 168 1.56 2.87 -12.47
CA GLN A 168 1.14 4.22 -12.13
C GLN A 168 -0.36 4.40 -12.24
N MET A 169 -1.03 3.62 -13.09
CA MET A 169 -2.43 3.92 -13.40
C MET A 169 -3.34 3.78 -12.18
N PRO A 170 -3.27 2.70 -11.39
CA PRO A 170 -4.18 2.62 -10.23
C PRO A 170 -4.03 3.79 -9.27
N TRP A 171 -2.82 4.30 -9.09
CA TRP A 171 -2.63 5.38 -8.13
C TRP A 171 -3.04 6.74 -8.69
N GLU A 172 -2.91 6.92 -10.02
CA GLU A 172 -3.49 8.10 -10.65
C GLU A 172 -4.99 8.15 -10.44
N LEU A 173 -5.66 7.01 -10.61
CA LEU A 173 -7.10 6.93 -10.32
C LEU A 173 -7.37 7.17 -8.85
N TRP A 174 -6.53 6.63 -7.97
CA TRP A 174 -6.70 6.86 -6.54
C TRP A 174 -6.66 8.35 -6.22
N ASP A 175 -5.75 9.07 -6.86
CA ASP A 175 -5.64 10.51 -6.65
C ASP A 175 -6.99 11.21 -6.85
N ILE A 176 -7.73 10.81 -7.87
CA ILE A 176 -9.01 11.44 -8.14
C ILE A 176 -10.07 10.99 -7.14
N LEU A 177 -10.03 9.72 -6.74
CA LEU A 177 -10.92 9.26 -5.67
C LEU A 177 -10.67 10.05 -4.39
N GLN A 178 -9.42 10.41 -4.11
CA GLN A 178 -9.11 11.18 -2.92
C GLN A 178 -9.64 12.61 -3.03
N GLU A 179 -9.45 13.24 -4.20
CA GLU A 179 -10.00 14.57 -4.43
C GLU A 179 -11.50 14.64 -4.11
N ILE A 180 -12.25 13.60 -4.48
CA ILE A 180 -13.70 13.65 -4.30
C ILE A 180 -14.15 13.17 -2.92
N SER A 181 -13.31 12.44 -2.19
CA SER A 181 -13.67 11.98 -0.85
C SER A 181 -12.44 11.96 0.05
N PRO A 182 -11.82 13.11 0.33
CA PRO A 182 -10.53 13.09 1.04
C PRO A 182 -10.63 12.58 2.46
N GLU A 183 -11.77 12.74 3.12
CA GLU A 183 -11.87 12.34 4.51
C GLU A 183 -12.15 10.86 4.69
N GLU A 184 -12.64 10.19 3.64
CA GLU A 184 -13.08 8.80 3.75
C GLU A 184 -12.15 7.81 3.07
N ILE A 185 -11.20 8.25 2.26
CA ILE A 185 -10.50 7.32 1.38
C ILE A 185 -9.52 6.49 2.20
N GLN A 186 -9.39 5.25 1.81
CA GLN A 186 -8.47 4.29 2.39
C GLN A 186 -7.21 4.21 1.56
N PRO A 187 -6.07 3.91 2.16
CA PRO A 187 -4.83 3.87 1.39
C PRO A 187 -4.65 2.57 0.63
N ASN A 188 -5.75 1.93 0.23
CA ASN A 188 -5.67 0.78 -0.65
C ASN A 188 -5.91 1.22 -2.09
N PRO A 189 -5.33 0.53 -3.06
CA PRO A 189 -5.55 0.90 -4.47
C PRO A 189 -7.01 0.69 -4.85
N PRO A 190 -7.47 1.27 -5.96
CA PRO A 190 -8.83 1.02 -6.42
C PRO A 190 -9.04 -0.46 -6.69
N SER A 191 -10.31 -0.87 -6.67
CA SER A 191 -10.67 -2.23 -7.01
C SER A 191 -10.47 -2.49 -8.50
N SER A 192 -10.32 -3.77 -8.84
CA SER A 192 -10.25 -4.15 -10.25
C SER A 192 -11.47 -3.62 -11.02
N GLY A 193 -12.65 -3.65 -10.40
CA GLY A 193 -13.84 -3.14 -11.08
C GLY A 193 -13.71 -1.69 -11.48
N MET A 194 -13.24 -0.85 -10.56
CA MET A 194 -13.02 0.56 -10.88
C MET A 194 -11.98 0.72 -11.99
N LEU A 195 -10.86 -0.02 -11.92
CA LEU A 195 -9.87 0.04 -12.99
C LEU A 195 -10.48 -0.37 -14.33
N GLY A 196 -11.26 -1.45 -14.32
CA GLY A 196 -11.83 -1.94 -15.56
C GLY A 196 -12.78 -0.95 -16.22
N ILE A 197 -13.53 -0.22 -15.39
CA ILE A 197 -14.40 0.84 -15.91
C ILE A 197 -13.58 1.89 -16.66
N ILE A 198 -12.48 2.33 -16.06
CA ILE A 198 -11.67 3.37 -16.70
C ILE A 198 -11.02 2.83 -17.98
N ILE A 199 -10.60 1.57 -17.94
CA ILE A 199 -10.04 0.96 -19.16
C ILE A 199 -11.08 0.94 -20.28
N MET A 200 -12.30 0.51 -19.99
CA MET A 200 -13.29 0.46 -21.06
C MET A 200 -13.69 1.87 -21.53
N MET A 201 -13.67 2.87 -20.65
CA MET A 201 -13.91 4.24 -21.10
C MET A 201 -12.85 4.72 -22.09
N THR A 202 -11.66 4.12 -22.08
CA THR A 202 -10.61 4.44 -23.03
C THR A 202 -10.82 3.75 -24.37
N LEU A 203 -11.50 2.61 -24.39
CA LEU A 203 -11.64 1.81 -25.60
C LEU A 203 -13.02 1.88 -26.24
N CYS A 204 -14.00 2.50 -25.60
CA CYS A 204 -15.40 2.41 -25.98
C CYS A 204 -16.04 3.79 -26.06
N ASP A 205 -17.08 3.92 -26.89
CA ASP A 205 -17.86 5.14 -26.88
C ASP A 205 -18.82 5.21 -25.70
N GLN A 206 -19.34 4.07 -25.25
CA GLN A 206 -20.32 4.02 -24.18
C GLN A 206 -20.06 2.77 -23.37
N VAL A 207 -20.08 2.90 -22.04
CA VAL A 207 -19.77 1.79 -21.15
C VAL A 207 -20.97 1.56 -20.22
N ASP A 208 -21.64 0.42 -20.37
CA ASP A 208 -22.69 -0.02 -19.46
C ASP A 208 -22.07 -0.89 -18.37
N ILE A 209 -22.39 -0.60 -17.13
CA ILE A 209 -21.74 -1.22 -15.98
C ILE A 209 -22.82 -1.92 -15.16
N TYR A 210 -22.70 -3.23 -14.97
CA TYR A 210 -23.76 -4.05 -14.40
C TYR A 210 -23.43 -4.49 -12.98
N GLU A 211 -24.32 -4.14 -12.04
CA GLU A 211 -24.24 -4.56 -10.65
C GLU A 211 -22.94 -4.14 -9.97
N PHE A 212 -22.38 -3.01 -10.42
CA PHE A 212 -21.39 -2.30 -9.62
C PHE A 212 -22.10 -1.38 -8.63
N LEU A 213 -23.00 -0.53 -9.13
CA LEU A 213 -24.00 0.10 -8.27
C LEU A 213 -25.10 -0.91 -7.94
N PRO A 214 -25.52 -0.99 -6.69
CA PRO A 214 -26.41 -2.08 -6.28
C PRO A 214 -27.83 -1.89 -6.80
N SER A 215 -28.44 -3.01 -7.19
CA SER A 215 -29.79 -3.03 -7.70
C SER A 215 -30.76 -3.45 -6.60
N LYS A 216 -32.01 -3.72 -6.99
CA LYS A 216 -32.98 -4.41 -6.15
C LYS A 216 -32.38 -5.67 -5.51
N ARG A 217 -31.39 -6.28 -6.15
CA ARG A 217 -30.88 -7.60 -5.76
C ARG A 217 -29.73 -7.55 -4.77
N LYS A 218 -29.42 -6.40 -4.19
CA LYS A 218 -28.32 -6.34 -3.21
C LYS A 218 -28.47 -7.46 -2.19
N THR A 219 -27.35 -8.13 -1.90
CA THR A 219 -27.41 -9.40 -1.19
C THR A 219 -26.18 -9.50 -0.29
N ASP A 220 -26.23 -10.46 0.64
CA ASP A 220 -25.05 -10.74 1.44
C ASP A 220 -24.01 -11.53 0.66
N VAL A 221 -24.41 -12.18 -0.44
CA VAL A 221 -23.49 -12.97 -1.26
C VAL A 221 -22.46 -12.05 -1.91
N CYS A 222 -21.17 -12.35 -1.71
CA CYS A 222 -20.11 -11.47 -2.18
C CYS A 222 -19.87 -11.57 -3.67
N TYR A 223 -19.91 -12.78 -4.24
N TYR A 223 -19.91 -12.80 -4.21
CA TYR A 223 -19.68 -12.92 -5.66
CA TYR A 223 -19.65 -13.08 -5.61
C TYR A 223 -20.64 -13.97 -6.23
C TYR A 223 -20.79 -13.92 -6.17
N TYR A 224 -21.11 -13.73 -7.46
CA TYR A 224 -22.23 -14.50 -8.00
C TYR A 224 -21.92 -15.98 -8.13
N TYR A 225 -20.65 -16.37 -8.20
CA TYR A 225 -20.26 -17.76 -8.37
C TYR A 225 -19.80 -18.40 -7.07
N GLN A 226 -20.03 -17.71 -5.96
CA GLN A 226 -19.68 -18.26 -4.66
C GLN A 226 -20.58 -19.46 -4.36
N LYS A 227 -20.02 -20.48 -3.73
CA LYS A 227 -20.80 -21.66 -3.36
C LYS A 227 -21.13 -21.69 -1.88
N PHE A 228 -20.41 -20.93 -1.08
CA PHE A 228 -20.65 -20.78 0.35
C PHE A 228 -19.79 -19.62 0.84
N PHE A 229 -20.00 -19.23 2.10
CA PHE A 229 -19.26 -18.13 2.70
C PHE A 229 -17.94 -18.61 3.31
N ASP A 230 -16.88 -17.83 3.13
CA ASP A 230 -15.66 -18.08 3.88
C ASP A 230 -14.89 -16.78 4.06
N SER A 231 -13.55 -16.88 4.13
CA SER A 231 -12.74 -15.68 4.29
C SER A 231 -12.81 -14.76 3.07
N ALA A 232 -13.16 -15.30 1.90
CA ALA A 232 -13.38 -14.48 0.72
C ALA A 232 -14.67 -13.67 0.77
N CYS A 233 -15.57 -14.00 1.71
CA CYS A 233 -16.77 -13.21 1.92
C CYS A 233 -17.00 -12.97 3.42
N LEU A 241 -14.37 1.18 -1.75
CA LEU A 241 -15.47 0.81 -2.64
C LEU A 241 -16.61 1.82 -2.61
N LEU A 242 -16.93 2.35 -1.42
CA LEU A 242 -18.03 3.31 -1.33
C LEU A 242 -17.76 4.57 -2.14
N TYR A 243 -16.54 5.12 -2.05
CA TYR A 243 -16.22 6.26 -2.90
C TYR A 243 -16.10 5.87 -4.36
N GLU A 244 -15.80 4.60 -4.67
CA GLU A 244 -15.83 4.15 -6.05
C GLU A 244 -17.25 4.18 -6.60
N LYS A 245 -18.20 3.70 -5.81
CA LYS A 245 -19.60 3.71 -6.23
C LYS A 245 -20.10 5.14 -6.40
N ASN A 246 -19.69 6.04 -5.49
CA ASN A 246 -20.12 7.43 -5.58
C ASN A 246 -19.57 8.08 -6.85
N LEU A 247 -18.33 7.76 -7.21
CA LEU A 247 -17.78 8.25 -8.47
C LEU A 247 -18.62 7.77 -9.65
N VAL A 248 -18.95 6.48 -9.68
CA VAL A 248 -19.69 5.95 -10.82
C VAL A 248 -21.10 6.52 -10.85
N LYS A 249 -21.74 6.62 -9.69
CA LYS A 249 -23.07 7.24 -9.65
C LYS A 249 -23.03 8.67 -10.17
N HIS A 250 -22.00 9.42 -9.77
CA HIS A 250 -21.86 10.81 -10.20
C HIS A 250 -21.71 10.93 -11.71
N LEU A 251 -21.03 9.97 -12.34
CA LEU A 251 -20.82 10.00 -13.79
C LEU A 251 -21.93 9.32 -14.58
N ASN A 252 -22.94 8.77 -13.90
CA ASN A 252 -23.92 7.94 -14.58
C ASN A 252 -24.89 8.79 -15.40
N GLN A 253 -25.11 8.38 -16.64
CA GLN A 253 -26.07 9.04 -17.52
C GLN A 253 -27.38 8.28 -17.64
N GLY A 254 -27.49 7.10 -17.04
CA GLY A 254 -28.70 6.31 -17.10
C GLY A 254 -29.72 6.76 -16.09
N THR A 255 -30.86 6.07 -16.10
CA THR A 255 -31.96 6.42 -15.22
C THR A 255 -31.81 5.72 -13.87
N ASP A 256 -32.44 6.31 -12.84
CA ASP A 256 -32.50 5.65 -11.54
C ASP A 256 -33.22 4.32 -11.64
N GLU A 257 -34.16 4.20 -12.59
CA GLU A 257 -34.88 2.95 -12.76
C GLU A 257 -33.95 1.86 -13.28
N ASP A 258 -33.05 2.22 -14.20
CA ASP A 258 -32.08 1.25 -14.70
C ASP A 258 -31.18 0.73 -13.59
N ILE A 259 -30.80 1.59 -12.64
CA ILE A 259 -30.01 1.12 -11.51
C ILE A 259 -30.81 0.15 -10.66
N TYR A 260 -32.03 0.54 -10.29
CA TYR A 260 -32.82 -0.27 -9.39
C TYR A 260 -33.21 -1.61 -10.02
N LEU A 261 -33.61 -1.59 -11.29
CA LEU A 261 -34.12 -2.79 -11.94
C LEU A 261 -33.02 -3.63 -12.58
N LEU A 262 -32.13 -3.00 -13.34
CA LEU A 262 -31.13 -3.70 -14.13
C LEU A 262 -29.76 -3.66 -13.50
N GLY A 263 -29.59 -2.97 -12.39
CA GLY A 263 -28.26 -2.81 -11.83
C GLY A 263 -27.31 -2.18 -12.82
N LYS A 264 -27.80 -1.26 -13.64
CA LYS A 264 -27.09 -0.78 -14.81
C LYS A 264 -26.76 0.71 -14.66
N ALA A 265 -25.48 1.04 -14.77
CA ALA A 265 -25.05 2.42 -14.96
C ALA A 265 -24.50 2.56 -16.36
N THR A 266 -24.54 3.78 -16.90
CA THR A 266 -24.08 4.04 -18.25
C THR A 266 -23.16 5.26 -18.22
N LEU A 267 -21.91 5.06 -18.62
CA LEU A 267 -20.90 6.11 -18.61
C LEU A 267 -20.40 6.35 -20.03
N PRO A 268 -20.27 7.60 -20.46
CA PRO A 268 -19.70 7.86 -21.78
C PRO A 268 -18.20 7.57 -21.79
N GLY A 269 -17.73 7.14 -22.95
CA GLY A 269 -16.30 6.93 -23.13
C GLY A 269 -15.55 8.23 -23.34
N PHE A 270 -14.25 8.17 -23.09
CA PHE A 270 -13.42 9.36 -23.19
C PHE A 270 -13.43 9.97 -24.59
N ARG A 271 -13.55 9.13 -25.63
CA ARG A 271 -13.56 9.62 -27.01
C ARG A 271 -14.72 10.57 -27.28
N THR A 272 -15.78 10.51 -26.48
CA THR A 272 -17.02 11.24 -26.75
C THR A 272 -17.19 12.50 -25.92
N ILE A 273 -16.32 12.76 -24.96
CA ILE A 273 -16.50 13.89 -24.06
C ILE A 273 -15.77 15.10 -24.61
N HIS A 274 -16.25 16.28 -24.23
CA HIS A 274 -15.67 17.54 -24.67
C HIS A 274 -15.03 18.25 -23.48
N CYS A 275 -13.75 18.57 -23.62
CA CYS A 275 -13.01 19.24 -22.55
C CYS A 275 -12.33 20.49 -23.06
N SER B 5 -6.89 20.05 18.56
CA SER B 5 -6.16 20.57 19.70
C SER B 5 -5.06 19.59 20.11
N ALA B 6 -3.97 20.12 20.66
CA ALA B 6 -2.81 19.29 20.97
C ALA B 6 -3.17 18.16 21.93
N GLU B 7 -3.68 18.50 23.11
CA GLU B 7 -3.99 17.47 24.11
C GLU B 7 -5.10 16.53 23.64
N ALA B 8 -6.00 16.99 22.77
CA ALA B 8 -6.96 16.07 22.17
C ALA B 8 -6.26 15.13 21.18
N LEU B 9 -5.32 15.68 20.40
CA LEU B 9 -4.53 14.84 19.50
C LEU B 9 -3.79 13.75 20.25
N ARG B 10 -3.15 14.12 21.37
CA ARG B 10 -2.37 13.13 22.13
C ARG B 10 -3.25 12.04 22.70
N CYS B 11 -4.47 12.38 23.15
CA CYS B 11 -5.38 11.36 23.63
C CYS B 11 -5.87 10.49 22.49
N HIS B 12 -6.12 11.08 21.32
CA HIS B 12 -6.51 10.31 20.15
C HIS B 12 -5.41 9.35 19.73
N LEU B 13 -4.16 9.82 19.74
CA LEU B 13 -3.04 8.93 19.44
C LEU B 13 -2.93 7.83 20.49
N ARG B 14 -3.10 8.19 21.77
CA ARG B 14 -2.98 7.18 22.82
C ARG B 14 -4.04 6.10 22.68
N ASP B 15 -5.26 6.50 22.34
CA ASP B 15 -6.38 5.56 22.34
C ASP B 15 -6.53 4.80 21.01
N HIS B 16 -6.22 5.42 19.88
CA HIS B 16 -6.43 4.77 18.59
C HIS B 16 -5.23 3.94 18.14
N VAL B 17 -4.02 4.26 18.60
CA VAL B 17 -2.81 3.59 18.10
C VAL B 17 -2.37 2.57 19.14
N ASN B 18 -2.42 1.28 18.79
CA ASN B 18 -2.05 0.20 19.69
C ASN B 18 -0.59 -0.17 19.45
N VAL B 19 0.30 0.37 20.28
CA VAL B 19 1.74 0.11 20.14
C VAL B 19 2.01 -1.24 20.78
N SER B 20 2.04 -2.29 19.97
CA SER B 20 2.16 -3.65 20.47
C SER B 20 2.98 -4.46 19.48
N MET B 21 3.69 -5.45 20.00
CA MET B 21 4.50 -6.36 19.20
C MET B 21 3.74 -7.66 18.98
N VAL B 22 4.11 -8.36 17.90
CA VAL B 22 3.58 -9.69 17.66
C VAL B 22 3.98 -10.60 18.82
N GLU B 23 3.02 -11.37 19.33
CA GLU B 23 3.27 -12.24 20.47
C GLU B 23 3.24 -13.71 20.07
N VAL B 24 3.80 -14.55 20.95
CA VAL B 24 3.85 -15.98 20.72
C VAL B 24 2.47 -16.59 20.62
N THR B 25 1.45 -15.87 21.07
CA THR B 25 0.06 -16.34 21.04
C THR B 25 -0.71 -15.87 19.81
N ASP B 26 -0.08 -15.07 18.94
CA ASP B 26 -0.73 -14.60 17.70
C ASP B 26 -0.50 -15.62 16.58
N PHE B 27 -1.59 -16.26 16.14
CA PHE B 27 -1.47 -17.16 15.02
C PHE B 27 -1.01 -16.36 13.79
N PRO B 28 -0.07 -16.88 12.99
CA PRO B 28 0.58 -18.20 13.05
C PRO B 28 1.91 -18.26 13.76
N PHE B 29 2.18 -17.34 14.67
CA PHE B 29 3.46 -17.38 15.37
C PHE B 29 3.44 -18.35 16.54
N ASN B 30 2.33 -19.08 16.72
CA ASN B 30 2.25 -20.18 17.67
C ASN B 30 2.34 -21.54 16.97
N THR B 31 2.71 -21.57 15.70
CA THR B 31 2.95 -22.82 14.99
C THR B 31 4.32 -23.36 15.33
N SER B 32 4.50 -24.67 15.10
CA SER B 32 5.77 -25.32 15.40
CA SER B 32 5.77 -25.29 15.43
C SER B 32 6.92 -24.65 14.66
N GLU B 33 6.65 -24.19 13.43
CA GLU B 33 7.65 -23.52 12.61
C GLU B 33 8.23 -22.29 13.31
N TRP B 34 7.48 -21.67 14.22
CA TRP B 34 7.89 -20.45 14.87
C TRP B 34 8.27 -20.64 16.34
N GLU B 35 8.22 -21.87 16.84
CA GLU B 35 8.51 -22.11 18.25
C GLU B 35 9.90 -21.59 18.62
N GLY B 36 9.94 -20.78 19.68
CA GLY B 36 11.19 -20.33 20.25
C GLY B 36 11.78 -19.09 19.63
N TYR B 37 11.19 -18.56 18.55
CA TYR B 37 11.81 -17.44 17.84
C TYR B 37 11.44 -16.09 18.45
N LEU B 38 10.17 -15.87 18.76
CA LEU B 38 9.80 -14.55 19.24
C LEU B 38 10.20 -14.39 20.70
N PRO B 39 10.53 -13.16 21.12
CA PRO B 39 10.71 -12.91 22.56
C PRO B 39 9.46 -13.29 23.33
N LYS B 40 9.68 -14.07 24.40
CA LYS B 40 8.59 -14.46 25.29
C LYS B 40 8.22 -13.35 26.26
N GLU B 41 9.19 -12.51 26.64
CA GLU B 41 8.91 -11.40 27.54
C GLU B 41 8.55 -10.15 26.75
N SER B 42 7.52 -9.46 27.22
CA SER B 42 7.07 -8.23 26.56
C SER B 42 8.23 -7.25 26.42
N ILE B 43 8.16 -6.43 25.37
CA ILE B 43 9.17 -5.38 25.25
C ILE B 43 9.12 -4.45 26.45
N ARG B 44 7.97 -4.35 27.12
CA ARG B 44 7.86 -3.44 28.25
C ARG B 44 8.61 -3.93 29.48
N THR B 45 9.09 -5.18 29.47
CA THR B 45 9.99 -5.66 30.52
C THR B 45 11.46 -5.43 30.21
N LYS B 46 11.81 -5.23 28.94
CA LYS B 46 13.19 -4.93 28.59
C LYS B 46 13.43 -3.45 28.35
N ALA B 47 12.40 -2.69 28.02
CA ALA B 47 12.54 -1.30 27.58
C ALA B 47 11.81 -0.41 28.57
N GLY B 48 12.57 0.17 29.50
CA GLY B 48 12.02 1.16 30.38
C GLY B 48 11.17 0.55 31.49
N PRO B 49 10.25 1.33 32.04
CA PRO B 49 9.90 2.70 31.64
C PRO B 49 11.03 3.69 31.90
N TRP B 50 11.10 4.72 31.08
CA TRP B 50 12.21 5.66 31.09
C TRP B 50 11.69 7.06 31.37
N GLY B 51 12.58 7.90 31.89
CA GLY B 51 12.26 9.29 32.15
C GLY B 51 12.35 10.19 30.93
N ARG B 52 13.55 10.43 30.43
CA ARG B 52 13.77 11.28 29.26
C ARG B 52 14.41 10.44 28.17
N CYS B 53 13.86 10.54 26.95
CA CYS B 53 14.33 9.73 25.83
C CYS B 53 14.65 10.63 24.64
N ALA B 54 15.52 10.12 23.76
CA ALA B 54 15.84 10.79 22.52
C ALA B 54 15.45 9.91 21.34
N VAL B 55 14.90 10.55 20.32
CA VAL B 55 14.72 9.93 19.01
C VAL B 55 15.62 10.67 18.05
N VAL B 56 16.54 9.96 17.40
CA VAL B 56 17.50 10.56 16.50
C VAL B 56 17.09 10.23 15.07
N SER B 57 16.67 11.24 14.33
CA SER B 57 16.34 11.02 12.94
CA SER B 57 16.35 11.08 12.93
C SER B 57 17.62 10.66 12.17
N SER B 58 17.44 10.21 10.94
CA SER B 58 18.62 9.92 10.14
C SER B 58 18.96 11.06 9.18
N ALA B 59 18.35 12.23 9.36
CA ALA B 59 18.46 13.31 8.39
C ALA B 59 19.89 13.80 8.19
N GLY B 60 20.18 14.30 6.99
CA GLY B 60 21.50 14.85 6.75
C GLY B 60 21.82 16.08 7.56
N SER B 61 20.79 16.78 8.06
CA SER B 61 21.03 17.97 8.87
C SER B 61 21.61 17.66 10.25
N LEU B 62 21.74 16.38 10.61
CA LEU B 62 22.49 16.02 11.79
C LEU B 62 23.99 16.11 11.59
N LYS B 63 24.47 16.02 10.35
CA LYS B 63 25.89 16.16 10.09
C LYS B 63 26.33 17.58 10.46
N SER B 64 27.42 17.67 11.23
CA SER B 64 27.98 18.91 11.76
C SER B 64 27.11 19.56 12.82
N SER B 65 26.08 18.87 13.31
CA SER B 65 25.21 19.46 14.31
C SER B 65 25.83 19.50 15.70
N GLN B 66 26.83 18.65 15.96
CA GLN B 66 27.45 18.55 17.27
C GLN B 66 26.44 18.27 18.37
N LEU B 67 25.39 17.49 18.06
CA LEU B 67 24.33 17.22 19.03
C LEU B 67 24.61 16.00 19.92
N GLY B 68 25.82 15.44 19.87
CA GLY B 68 26.06 14.15 20.48
C GLY B 68 25.90 14.14 21.99
N ARG B 69 26.42 15.16 22.68
CA ARG B 69 26.26 15.18 24.13
C ARG B 69 24.81 15.41 24.52
N GLU B 70 24.12 16.29 23.78
CA GLU B 70 22.71 16.54 24.01
C GLU B 70 21.90 15.25 23.87
N ILE B 71 22.19 14.47 22.83
CA ILE B 71 21.47 13.21 22.58
C ILE B 71 21.81 12.19 23.66
N ASP B 72 23.10 12.04 24.01
CA ASP B 72 23.48 11.03 24.99
C ASP B 72 22.93 11.33 26.38
N ASP B 73 22.54 12.57 26.65
CA ASP B 73 22.03 12.94 27.98
C ASP B 73 20.55 12.59 28.09
N HIS B 74 20.27 11.29 27.95
CA HIS B 74 18.93 10.73 28.00
C HIS B 74 19.03 9.32 28.57
N ASP B 75 17.90 8.85 29.11
CA ASP B 75 17.87 7.49 29.63
C ASP B 75 17.92 6.46 28.51
N ALA B 76 17.41 6.81 27.34
CA ALA B 76 17.35 5.86 26.23
C ALA B 76 17.36 6.65 24.94
N VAL B 77 17.94 6.05 23.89
CA VAL B 77 18.03 6.67 22.58
C VAL B 77 17.52 5.68 21.52
N LEU B 78 16.64 6.15 20.64
CA LEU B 78 16.11 5.35 19.53
C LEU B 78 16.73 5.81 18.22
N ARG B 79 17.19 4.86 17.41
CA ARG B 79 17.73 5.15 16.09
C ARG B 79 17.03 4.27 15.07
N PHE B 80 17.32 4.50 13.79
CA PHE B 80 16.57 3.86 12.70
C PHE B 80 17.49 3.15 11.74
N ASN B 81 17.00 2.00 11.27
CA ASN B 81 17.54 1.26 10.12
C ASN B 81 19.04 1.05 10.34
N GLY B 82 19.89 1.41 9.39
CA GLY B 82 21.31 1.16 9.57
C GLY B 82 22.11 2.37 9.98
N ALA B 83 21.43 3.35 10.57
CA ALA B 83 22.11 4.59 10.98
C ALA B 83 23.23 4.30 11.99
N PRO B 84 24.47 4.70 11.70
CA PRO B 84 25.60 4.38 12.57
C PRO B 84 25.93 5.48 13.57
N THR B 85 26.55 5.07 14.68
CA THR B 85 27.18 6.03 15.58
C THR B 85 28.68 6.16 15.31
N ALA B 86 29.34 5.07 14.94
CA ALA B 86 30.77 5.13 14.63
C ALA B 86 31.07 6.17 13.54
N ASN B 87 32.09 6.98 13.81
CA ASN B 87 32.56 8.10 12.99
C ASN B 87 31.61 9.28 13.01
N PHE B 88 30.52 9.24 13.78
CA PHE B 88 29.59 10.36 13.86
C PHE B 88 29.23 10.71 15.29
N GLN B 89 29.94 10.17 16.28
CA GLN B 89 29.50 10.28 17.68
C GLN B 89 29.37 11.74 18.11
N GLN B 90 30.22 12.63 17.59
CA GLN B 90 30.12 14.02 18.02
C GLN B 90 28.84 14.67 17.54
N ASP B 91 28.24 14.14 16.46
CA ASP B 91 27.01 14.69 15.91
C ASP B 91 25.75 13.98 16.41
N VAL B 92 25.78 12.65 16.54
CA VAL B 92 24.57 11.87 16.80
C VAL B 92 24.63 11.09 18.10
N GLY B 93 25.73 11.17 18.86
CA GLY B 93 25.82 10.47 20.12
C GLY B 93 26.44 9.09 20.01
N THR B 94 26.52 8.42 21.16
CA THR B 94 27.13 7.11 21.27
C THR B 94 26.16 6.01 21.64
N LYS B 95 25.04 6.32 22.27
CA LYS B 95 24.13 5.32 22.82
C LYS B 95 23.10 4.87 21.79
N THR B 96 22.83 3.56 21.76
CA THR B 96 21.70 3.02 20.98
C THR B 96 20.94 2.05 21.86
N THR B 97 19.75 2.45 22.31
CA THR B 97 18.95 1.60 23.18
C THR B 97 17.96 0.76 22.39
N ILE B 98 17.30 1.38 21.42
CA ILE B 98 16.35 0.70 20.55
C ILE B 98 16.70 1.09 19.12
N ARG B 99 16.59 0.13 18.21
CA ARG B 99 16.81 0.40 16.79
C ARG B 99 15.61 -0.14 16.04
N LEU B 100 14.88 0.76 15.38
CA LEU B 100 13.67 0.38 14.64
C LEU B 100 14.04 0.28 13.16
N MET B 101 13.78 -0.88 12.55
CA MET B 101 14.20 -1.17 11.19
C MET B 101 12.98 -1.52 10.35
N ASN B 102 12.98 -1.08 9.08
CA ASN B 102 11.93 -1.54 8.19
C ASN B 102 12.27 -2.90 7.59
N SER B 103 11.26 -3.57 7.04
CA SER B 103 11.46 -4.93 6.55
C SER B 103 12.27 -4.95 5.26
N GLN B 104 12.31 -3.85 4.52
CA GLN B 104 13.17 -3.81 3.34
C GLN B 104 14.63 -4.03 3.74
N LEU B 105 15.07 -3.39 4.82
CA LEU B 105 16.44 -3.56 5.27
CA LEU B 105 16.44 -3.57 5.28
C LEU B 105 16.70 -5.01 5.69
N VAL B 106 15.83 -5.54 6.55
CA VAL B 106 16.04 -6.90 7.06
C VAL B 106 16.03 -7.91 5.92
N THR B 107 15.19 -7.69 4.91
CA THR B 107 15.06 -8.63 3.80
C THR B 107 16.20 -8.52 2.78
N THR B 108 16.64 -7.31 2.43
CA THR B 108 17.47 -7.13 1.25
C THR B 108 18.87 -6.60 1.52
N GLU B 109 19.18 -6.12 2.73
CA GLU B 109 20.50 -5.55 3.02
C GLU B 109 21.39 -6.62 3.62
N LYS B 110 22.40 -7.06 2.84
CA LYS B 110 23.28 -8.13 3.29
C LYS B 110 24.02 -7.75 4.57
N ARG B 111 24.25 -6.46 4.80
CA ARG B 111 24.98 -6.03 5.99
C ARG B 111 24.20 -6.26 7.27
N PHE B 112 22.88 -6.47 7.19
CA PHE B 112 22.12 -6.72 8.41
C PHE B 112 22.61 -7.96 9.14
N LEU B 113 23.04 -8.98 8.39
CA LEU B 113 23.52 -10.20 9.03
C LEU B 113 25.03 -10.20 9.23
N LYS B 114 25.71 -9.13 8.87
CA LYS B 114 27.16 -9.06 8.99
C LYS B 114 27.68 -7.91 9.85
N ASP B 115 27.01 -6.76 9.85
CA ASP B 115 27.53 -5.58 10.54
C ASP B 115 27.26 -5.64 12.04
N SER B 116 28.31 -5.44 12.85
CA SER B 116 28.12 -5.50 14.28
C SER B 116 27.26 -4.37 14.83
N LEU B 117 26.99 -3.31 14.06
CA LEU B 117 26.20 -2.20 14.63
C LEU B 117 24.81 -2.67 15.05
N TYR B 118 24.27 -3.69 14.38
CA TYR B 118 22.94 -4.19 14.72
C TYR B 118 22.89 -4.95 16.03
N ASN B 119 24.05 -5.32 16.59
CA ASN B 119 24.06 -6.21 17.74
C ASN B 119 23.79 -5.50 19.06
N GLU B 120 23.73 -4.17 19.05
CA GLU B 120 23.53 -3.34 20.25
C GLU B 120 22.06 -3.04 20.47
N GLY B 121 21.64 -3.03 21.74
CA GLY B 121 20.30 -2.60 22.09
C GLY B 121 19.18 -3.57 21.72
N ILE B 122 17.96 -3.04 21.75
CA ILE B 122 16.75 -3.78 21.41
C ILE B 122 16.41 -3.50 19.96
N LEU B 123 16.11 -4.55 19.19
CA LEU B 123 15.73 -4.38 17.79
C LEU B 123 14.23 -4.55 17.62
N ILE B 124 13.66 -3.77 16.69
CA ILE B 124 12.27 -3.94 16.27
C ILE B 124 12.28 -3.86 14.76
N VAL B 125 11.59 -4.79 14.11
CA VAL B 125 11.38 -4.72 12.67
C VAL B 125 9.89 -4.50 12.43
N TRP B 126 9.56 -3.68 11.41
CA TRP B 126 8.15 -3.51 11.02
C TRP B 126 8.02 -3.66 9.52
N ASP B 127 6.82 -4.05 9.10
CA ASP B 127 6.55 -4.29 7.69
C ASP B 127 5.18 -3.70 7.38
N PRO B 128 5.04 -2.92 6.31
CA PRO B 128 3.70 -2.39 5.95
C PRO B 128 2.81 -3.48 5.36
N SER B 129 1.66 -3.67 5.98
CA SER B 129 0.68 -4.63 5.47
C SER B 129 -0.31 -3.92 4.56
N VAL B 130 -1.19 -4.72 3.95
CA VAL B 130 -2.39 -4.16 3.36
C VAL B 130 -3.20 -3.49 4.46
N TYR B 131 -3.75 -2.32 4.16
CA TYR B 131 -4.56 -1.60 5.13
C TYR B 131 -5.76 -2.45 5.56
N HIS B 132 -6.01 -2.48 6.87
CA HIS B 132 -7.07 -3.24 7.56
C HIS B 132 -6.80 -4.73 7.66
N SER B 133 -5.61 -5.19 7.31
CA SER B 133 -5.28 -6.61 7.39
CA SER B 133 -5.32 -6.61 7.40
C SER B 133 -5.01 -7.02 8.84
N ASP B 134 -5.45 -8.22 9.21
CA ASP B 134 -5.09 -8.78 10.49
C ASP B 134 -3.77 -9.53 10.34
N ILE B 135 -3.28 -10.13 11.42
CA ILE B 135 -1.96 -10.74 11.41
C ILE B 135 -1.90 -11.94 10.48
N PRO B 136 -2.87 -12.87 10.49
CA PRO B 136 -2.77 -14.01 9.56
C PRO B 136 -2.81 -13.63 8.10
N LYS B 137 -3.60 -12.61 7.72
CA LYS B 137 -3.62 -12.17 6.33
C LYS B 137 -2.33 -11.46 5.95
N TRP B 138 -1.82 -10.63 6.85
CA TRP B 138 -0.55 -9.96 6.60
C TRP B 138 0.57 -10.97 6.43
N TYR B 139 0.58 -12.01 7.29
CA TYR B 139 1.62 -13.02 7.23
C TYR B 139 1.70 -13.67 5.85
N GLN B 140 0.55 -13.84 5.21
CA GLN B 140 0.53 -14.49 3.91
C GLN B 140 1.09 -13.61 2.80
N ASN B 141 1.18 -12.30 3.00
CA ASN B 141 1.73 -11.41 1.98
C ASN B 141 2.29 -10.16 2.62
N PRO B 142 3.43 -10.28 3.28
CA PRO B 142 4.13 -9.10 3.77
C PRO B 142 4.63 -8.24 2.61
N ASP B 143 4.90 -6.97 2.90
CA ASP B 143 5.50 -6.10 1.89
C ASP B 143 6.85 -6.66 1.43
N TYR B 144 7.71 -7.01 2.40
CA TYR B 144 8.95 -7.73 2.15
C TYR B 144 8.94 -8.99 3.01
N ASN B 145 9.39 -10.11 2.44
CA ASN B 145 9.34 -11.35 3.22
C ASN B 145 10.60 -11.43 4.06
N PHE B 146 10.54 -10.76 5.21
CA PHE B 146 11.68 -10.64 6.12
C PHE B 146 11.80 -11.78 7.10
N PHE B 147 10.87 -12.75 7.09
CA PHE B 147 10.78 -13.73 8.17
C PHE B 147 12.01 -14.64 8.21
N ASN B 148 12.54 -15.02 7.05
CA ASN B 148 13.68 -15.93 7.04
C ASN B 148 14.93 -15.26 7.61
N ASN B 149 15.18 -14.01 7.23
CA ASN B 149 16.34 -13.32 7.79
C ASN B 149 16.12 -12.92 9.24
N TYR B 150 14.87 -12.65 9.64
CA TYR B 150 14.57 -12.50 11.06
C TYR B 150 15.00 -13.75 11.83
N LYS B 151 14.59 -14.93 11.34
CA LYS B 151 14.92 -16.18 12.01
C LYS B 151 16.42 -16.42 12.04
N THR B 152 17.09 -16.12 10.93
CA THR B 152 18.54 -16.31 10.87
C THR B 152 19.24 -15.41 11.88
N TYR B 153 18.83 -14.15 11.94
CA TYR B 153 19.43 -13.25 12.93
C TYR B 153 19.17 -13.75 14.35
N ARG B 154 17.95 -14.23 14.63
CA ARG B 154 17.65 -14.75 15.95
C ARG B 154 18.57 -15.92 16.32
N LYS B 155 18.86 -16.79 15.36
CA LYS B 155 19.75 -17.91 15.65
C LYS B 155 21.19 -17.46 15.83
N LEU B 156 21.62 -16.42 15.09
CA LEU B 156 22.97 -15.90 15.26
C LEU B 156 23.11 -15.09 16.54
N HIS B 157 22.01 -14.46 17.00
CA HIS B 157 22.05 -13.56 18.15
C HIS B 157 20.89 -13.87 19.09
N PRO B 158 20.88 -15.08 19.66
CA PRO B 158 19.70 -15.54 20.40
C PRO B 158 19.34 -14.70 21.59
N ASN B 159 20.30 -13.99 22.18
CA ASN B 159 20.05 -13.27 23.42
C ASN B 159 19.90 -11.77 23.20
N GLN B 160 19.78 -11.32 21.95
CA GLN B 160 19.43 -9.93 21.71
C GLN B 160 17.93 -9.81 21.50
N PRO B 161 17.21 -9.03 22.29
CA PRO B 161 15.76 -8.88 22.07
C PRO B 161 15.49 -8.28 20.69
N PHE B 162 14.54 -8.89 19.97
CA PHE B 162 14.28 -8.57 18.57
C PHE B 162 12.80 -8.82 18.35
N TYR B 163 12.02 -7.74 18.35
CA TYR B 163 10.57 -7.78 18.24
C TYR B 163 10.11 -7.47 16.83
N ILE B 164 8.86 -7.90 16.53
CA ILE B 164 8.17 -7.58 15.28
C ILE B 164 6.96 -6.71 15.65
N LEU B 165 6.88 -5.53 15.05
CA LEU B 165 5.75 -4.64 15.31
C LEU B 165 4.48 -5.22 14.70
N LYS B 166 3.36 -5.11 15.44
CA LYS B 166 2.11 -5.56 14.85
C LYS B 166 1.78 -4.74 13.60
N PRO B 167 1.26 -5.38 12.55
CA PRO B 167 1.01 -4.66 11.30
C PRO B 167 -0.06 -3.59 11.42
N GLN B 168 -0.96 -3.70 12.39
CA GLN B 168 -2.04 -2.72 12.48
C GLN B 168 -1.53 -1.35 12.90
N MET B 169 -0.42 -1.30 13.65
CA MET B 169 -0.02 -0.03 14.27
C MET B 169 0.28 1.05 13.25
N PRO B 170 1.08 0.82 12.19
CA PRO B 170 1.34 1.92 11.24
C PRO B 170 0.08 2.48 10.61
N TRP B 171 -0.93 1.64 10.39
CA TRP B 171 -2.14 2.13 9.73
C TRP B 171 -3.07 2.83 10.71
N GLU B 172 -3.04 2.45 11.98
CA GLU B 172 -3.73 3.24 13.00
C GLU B 172 -3.14 4.64 13.07
N LEU B 173 -1.81 4.75 13.04
CA LEU B 173 -1.21 6.07 13.03
C LEU B 173 -1.53 6.81 11.73
N TRP B 174 -1.59 6.09 10.61
CA TRP B 174 -1.95 6.73 9.35
C TRP B 174 -3.33 7.36 9.45
N ASP B 175 -4.28 6.67 10.10
CA ASP B 175 -5.64 7.19 10.26
C ASP B 175 -5.61 8.58 10.87
N ILE B 176 -4.75 8.80 11.85
CA ILE B 176 -4.73 10.09 12.52
C ILE B 176 -4.05 11.15 11.65
N LEU B 177 -3.00 10.76 10.92
CA LEU B 177 -2.41 11.68 9.94
C LEU B 177 -3.44 12.11 8.90
N GLN B 178 -4.36 11.22 8.54
CA GLN B 178 -5.39 11.58 7.57
C GLN B 178 -6.37 12.59 8.16
N GLU B 179 -6.83 12.35 9.40
CA GLU B 179 -7.74 13.30 10.04
C GLU B 179 -7.13 14.70 10.11
N ILE B 180 -5.80 14.79 10.21
CA ILE B 180 -5.13 16.08 10.32
C ILE B 180 -4.95 16.73 8.97
N SER B 181 -4.57 15.96 7.94
CA SER B 181 -4.26 16.48 6.61
C SER B 181 -4.94 15.63 5.55
N PRO B 182 -6.28 15.66 5.49
CA PRO B 182 -6.98 14.75 4.58
C PRO B 182 -6.69 14.99 3.12
N GLU B 183 -6.46 16.24 2.72
CA GLU B 183 -6.25 16.54 1.31
C GLU B 183 -4.84 16.22 0.85
N GLU B 184 -3.88 16.22 1.77
CA GLU B 184 -2.47 16.12 1.41
C GLU B 184 -1.88 14.73 1.60
N ILE B 185 -2.60 13.80 2.24
CA ILE B 185 -1.98 12.56 2.66
C ILE B 185 -1.85 11.61 1.47
N GLN B 186 -0.74 10.88 1.44
CA GLN B 186 -0.44 9.85 0.47
C GLN B 186 -0.74 8.49 1.04
N PRO B 187 -1.06 7.50 0.20
CA PRO B 187 -1.39 6.17 0.72
C PRO B 187 -0.17 5.33 1.06
N ASN B 188 0.91 5.96 1.41
CA ASN B 188 2.03 5.19 1.92
C ASN B 188 1.97 5.17 3.45
N PRO B 189 2.49 4.13 4.09
CA PRO B 189 2.49 4.09 5.56
C PRO B 189 3.37 5.18 6.13
N PRO B 190 3.22 5.52 7.41
CA PRO B 190 4.11 6.51 8.03
C PRO B 190 5.56 6.06 7.92
N SER B 191 6.46 7.03 7.99
CA SER B 191 7.89 6.75 8.01
C SER B 191 8.28 6.05 9.32
N SER B 192 9.39 5.32 9.28
CA SER B 192 9.91 4.72 10.51
C SER B 192 10.11 5.77 11.60
N GLY B 193 10.55 6.97 11.23
CA GLY B 193 10.73 8.03 12.21
C GLY B 193 9.46 8.34 12.97
N MET B 194 8.35 8.50 12.25
CA MET B 194 7.08 8.77 12.91
C MET B 194 6.66 7.61 13.80
N LEU B 195 6.81 6.37 13.31
CA LEU B 195 6.51 5.21 14.16
C LEU B 195 7.38 5.21 15.41
N GLY B 196 8.66 5.54 15.24
CA GLY B 196 9.56 5.50 16.39
C GLY B 196 9.21 6.51 17.45
N ILE B 197 8.73 7.69 17.03
CA ILE B 197 8.26 8.70 17.98
C ILE B 197 7.11 8.15 18.81
N ILE B 198 6.13 7.52 18.17
CA ILE B 198 4.99 7.01 18.93
C ILE B 198 5.42 5.88 19.85
N ILE B 199 6.34 5.04 19.40
CA ILE B 199 6.86 3.97 20.25
C ILE B 199 7.51 4.55 21.51
N MET B 200 8.35 5.57 21.36
CA MET B 200 9.02 6.12 22.54
C MET B 200 8.03 6.83 23.46
N MET B 201 6.99 7.46 22.91
CA MET B 201 5.97 8.07 23.76
C MET B 201 5.25 7.05 24.63
N THR B 202 5.25 5.77 24.23
CA THR B 202 4.69 4.69 25.02
C THR B 202 5.62 4.25 26.13
N LEU B 203 6.93 4.48 25.99
CA LEU B 203 7.90 3.96 26.93
C LEU B 203 8.54 5.03 27.79
N CYS B 204 8.27 6.31 27.52
CA CYS B 204 9.04 7.41 28.09
C CYS B 204 8.11 8.48 28.65
N ASP B 205 8.58 9.20 29.67
CA ASP B 205 7.83 10.34 30.16
C ASP B 205 7.97 11.55 29.24
N GLN B 206 9.13 11.71 28.62
CA GLN B 206 9.39 12.85 27.74
C GLN B 206 10.24 12.36 26.58
N VAL B 207 9.92 12.80 25.37
CA VAL B 207 10.61 12.35 24.17
C VAL B 207 11.16 13.57 23.43
N ASP B 208 12.49 13.69 23.39
CA ASP B 208 13.17 14.70 22.61
C ASP B 208 13.48 14.13 21.23
N ILE B 209 13.17 14.88 20.19
CA ILE B 209 13.26 14.41 18.81
C ILE B 209 14.19 15.34 18.05
N TYR B 210 15.25 14.77 17.46
CA TYR B 210 16.34 15.56 16.90
C TYR B 210 16.35 15.50 15.37
N GLU B 211 16.26 16.68 14.76
CA GLU B 211 16.35 16.87 13.32
C GLU B 211 15.28 16.10 12.56
N PHE B 212 14.10 15.93 13.18
CA PHE B 212 12.89 15.57 12.46
C PHE B 212 12.22 16.81 11.88
N LEU B 213 11.99 17.82 12.74
CA LEU B 213 11.64 19.14 12.23
C LEU B 213 12.90 19.87 11.77
N PRO B 214 12.82 20.62 10.68
CA PRO B 214 14.04 21.24 10.13
C PRO B 214 14.62 22.29 11.07
N SER B 215 15.93 22.26 11.22
CA SER B 215 16.66 23.28 11.96
C SER B 215 17.35 24.23 10.98
N LYS B 216 18.23 25.08 11.50
CA LYS B 216 19.03 25.96 10.66
C LYS B 216 19.94 25.20 9.71
N ARG B 217 20.08 23.88 9.89
CA ARG B 217 21.02 23.06 9.14
C ARG B 217 20.38 22.36 7.95
N LYS B 218 19.21 22.81 7.51
CA LYS B 218 18.55 22.15 6.37
C LYS B 218 19.51 22.07 5.19
N THR B 219 19.54 20.89 4.56
CA THR B 219 20.57 20.55 3.60
C THR B 219 19.95 19.68 2.52
N ASP B 220 20.64 19.57 1.39
CA ASP B 220 20.17 18.64 0.37
C ASP B 220 20.54 17.19 0.66
N VAL B 221 21.44 16.96 1.61
CA VAL B 221 21.85 15.60 1.97
C VAL B 221 20.71 14.88 2.67
N CYS B 222 20.36 13.69 2.15
CA CYS B 222 19.19 12.98 2.67
C CYS B 222 19.47 12.33 4.02
N TYR B 223 20.65 11.74 4.22
N TYR B 223 20.66 11.72 4.18
CA TYR B 223 20.93 11.09 5.48
CA TYR B 223 21.06 11.01 5.38
C TYR B 223 22.37 11.38 5.91
C TYR B 223 22.38 11.57 5.89
N TYR B 224 22.56 11.58 7.22
CA TYR B 224 23.82 12.11 7.72
C TYR B 224 25.02 11.23 7.38
N TYR B 225 24.81 9.94 7.12
CA TYR B 225 25.90 9.02 6.86
C TYR B 225 26.05 8.71 5.37
N GLN B 226 25.38 9.46 4.51
CA GLN B 226 25.52 9.21 3.07
C GLN B 226 26.90 9.67 2.61
N LYS B 227 27.45 8.95 1.64
CA LYS B 227 28.76 9.30 1.08
C LYS B 227 28.65 10.03 -0.24
N PHE B 228 27.51 9.91 -0.92
CA PHE B 228 27.24 10.57 -2.19
C PHE B 228 25.75 10.36 -2.49
N PHE B 229 25.29 11.02 -3.55
CA PHE B 229 23.89 10.98 -3.94
C PHE B 229 23.64 9.82 -4.89
N ASP B 230 22.50 9.12 -4.71
CA ASP B 230 22.09 8.14 -5.71
C ASP B 230 20.58 7.93 -5.67
N SER B 231 20.12 6.69 -5.90
CA SER B 231 18.69 6.40 -5.86
C SER B 231 18.12 6.55 -4.44
N ALA B 232 18.96 6.51 -3.41
CA ALA B 232 18.49 6.77 -2.06
C ALA B 232 18.34 8.25 -1.76
N CYS B 233 18.89 9.13 -2.60
CA CYS B 233 18.79 10.58 -2.42
C CYS B 233 18.85 11.24 -3.78
N THR B 234 17.74 11.80 -4.24
CA THR B 234 17.73 12.49 -5.53
C THR B 234 17.40 13.97 -5.36
N LEU B 241 7.85 13.20 5.45
CA LEU B 241 6.55 13.59 4.90
C LEU B 241 6.02 14.81 5.64
N LEU B 242 5.46 15.75 4.88
CA LEU B 242 5.14 17.07 5.43
C LEU B 242 4.09 16.98 6.53
N TYR B 243 3.10 16.10 6.39
CA TYR B 243 2.10 16.02 7.44
C TYR B 243 2.61 15.33 8.70
N GLU B 244 3.66 14.50 8.58
CA GLU B 244 4.28 13.95 9.78
C GLU B 244 4.92 15.05 10.60
N LYS B 245 5.61 15.97 9.94
CA LYS B 245 6.24 17.08 10.66
C LYS B 245 5.19 17.98 11.31
N ASN B 246 4.06 18.17 10.64
CA ASN B 246 3.01 19.02 11.19
C ASN B 246 2.40 18.42 12.46
N LEU B 247 2.23 17.09 12.48
CA LEU B 247 1.78 16.44 13.71
C LEU B 247 2.79 16.68 14.83
N VAL B 248 4.08 16.48 14.55
CA VAL B 248 5.08 16.66 15.59
C VAL B 248 5.13 18.11 16.05
N LYS B 249 5.06 19.05 15.09
CA LYS B 249 5.05 20.45 15.45
C LYS B 249 3.85 20.80 16.32
N HIS B 250 2.67 20.22 16.01
CA HIS B 250 1.47 20.45 16.81
C HIS B 250 1.66 20.02 18.26
N LEU B 251 2.38 18.93 18.48
CA LEU B 251 2.54 18.36 19.80
C LEU B 251 3.78 18.89 20.53
N ASN B 252 4.57 19.72 19.88
CA ASN B 252 5.86 20.13 20.43
C ASN B 252 5.67 21.05 21.62
N GLN B 253 6.17 20.63 22.79
CA GLN B 253 6.19 21.48 23.97
C GLN B 253 7.43 22.36 24.05
N GLY B 254 8.45 22.08 23.26
CA GLY B 254 9.66 22.88 23.27
C GLY B 254 9.46 24.22 22.58
N THR B 255 10.53 25.02 22.59
CA THR B 255 10.49 26.35 22.03
C THR B 255 10.83 26.34 20.55
N ASP B 256 10.24 27.27 19.82
CA ASP B 256 10.63 27.48 18.43
C ASP B 256 12.10 27.84 18.31
N GLU B 257 12.70 28.35 19.40
CA GLU B 257 14.13 28.61 19.41
C GLU B 257 14.93 27.31 19.42
N ASP B 258 14.50 26.33 20.20
CA ASP B 258 15.18 25.04 20.23
C ASP B 258 15.08 24.31 18.91
N ILE B 259 13.98 24.52 18.16
CA ILE B 259 13.85 23.91 16.85
C ILE B 259 14.89 24.46 15.90
N TYR B 260 15.09 25.78 15.92
CA TYR B 260 15.94 26.41 14.91
C TYR B 260 17.40 26.06 15.11
N LEU B 261 17.88 26.04 16.35
CA LEU B 261 19.30 25.86 16.60
C LEU B 261 19.67 24.42 16.98
N LEU B 262 18.84 23.75 17.78
CA LEU B 262 19.14 22.38 18.18
C LEU B 262 18.44 21.35 17.30
N GLY B 263 17.55 21.77 16.41
CA GLY B 263 16.73 20.81 15.69
C GLY B 263 15.94 19.92 16.63
N LYS B 264 15.48 20.48 17.74
CA LYS B 264 14.94 19.70 18.83
C LYS B 264 13.46 19.99 19.01
N ALA B 265 12.65 18.93 19.05
CA ALA B 265 11.28 19.00 19.52
C ALA B 265 11.15 18.13 20.76
N THR B 266 10.13 18.43 21.57
CA THR B 266 9.95 17.74 22.85
C THR B 266 8.48 17.38 23.00
N LEU B 267 8.20 16.08 23.09
CA LEU B 267 6.84 15.58 23.18
C LEU B 267 6.64 14.85 24.50
N PRO B 268 5.52 15.05 25.17
CA PRO B 268 5.26 14.32 26.41
C PRO B 268 4.89 12.88 26.11
N GLY B 269 5.31 11.99 27.00
CA GLY B 269 4.93 10.60 26.88
C GLY B 269 3.48 10.36 27.27
N PHE B 270 2.94 9.24 26.81
CA PHE B 270 1.53 8.92 27.05
C PHE B 270 1.26 8.71 28.54
N ARG B 271 2.26 8.27 29.31
CA ARG B 271 2.09 8.08 30.75
C ARG B 271 1.75 9.37 31.47
N THR B 272 2.13 10.52 30.90
CA THR B 272 2.05 11.80 31.58
C THR B 272 0.85 12.64 31.17
N ILE B 273 0.11 12.25 30.14
CA ILE B 273 -1.01 13.05 29.68
C ILE B 273 -2.28 12.58 30.38
N HIS B 274 -3.28 13.45 30.40
CA HIS B 274 -4.54 13.19 31.09
C HIS B 274 -5.69 13.25 30.11
N CYS B 275 -6.50 12.19 30.09
CA CYS B 275 -7.66 12.11 29.21
C CYS B 275 -8.88 11.60 29.98
O3P NCC C . -12.81 -10.41 -8.20
O3P NCC C . -12.98 -10.68 -7.78
P NCC C . -13.36 -9.33 -7.30
P NCC C . -12.91 -9.19 -7.97
O2P NCC C . -12.26 -8.09 -7.19
O2P NCC C . -12.52 -8.47 -6.53
O1P NCC C . -13.85 -9.97 -6.02
O1P NCC C . -12.01 -8.88 -9.13
O5' NCC C . -14.63 -8.71 -8.03
O5' NCC C . -14.36 -8.67 -8.36
C5' NCC C . -14.46 -7.97 -9.24
C5' NCC C . -14.57 -7.89 -9.52
C4' NCC C . -14.96 -6.56 -9.07
C4' NCC C . -15.06 -6.51 -9.17
O4' NCC C . -16.39 -6.60 -8.89
O4' NCC C . -16.48 -6.56 -8.90
C1' NCC C . -16.80 -5.55 -8.05
C1' NCC C . -16.83 -5.53 -8.01
N1 NCC C . -17.59 -6.13 -6.93
N1 NCC C . -17.61 -6.11 -6.90
C6 NCC C . -17.39 -7.37 -6.55
C6 NCC C . -17.41 -7.36 -6.54
C5 NCC C . -18.11 -7.89 -5.53
C5 NCC C . -18.14 -7.90 -5.52
C4 NCC C . -19.04 -7.12 -4.90
C4 NCC C . -19.05 -7.13 -4.88
N4 NCC C . -19.82 -7.67 -3.81
N4 NCC C . -19.84 -7.70 -3.79
N3 NCC C . -19.23 -5.87 -5.29
N3 NCC C . -19.24 -5.88 -5.25
C2 NCC C . -18.51 -5.37 -6.31
C2 NCC C . -18.53 -5.35 -6.27
O2 NCC C . -18.68 -4.24 -6.66
O2 NCC C . -18.70 -4.23 -6.61
C2' NCC C . -15.54 -4.82 -7.54
C2' NCC C . -15.52 -4.87 -7.51
O2' NCC C . -15.34 -3.66 -8.32
O2' NCC C . -15.32 -3.66 -8.22
C3' NCC C . -14.45 -5.85 -7.83
C3' NCC C . -14.47 -5.91 -7.91
O3' NCC C . -13.17 -5.26 -8.02
O3' NCC C . -13.19 -5.34 -8.12
C9 NCC C . -10.16 -7.15 -7.06
C9 NCC C . -10.57 -7.20 -7.18
O1B NCC C . -10.39 -5.92 -6.94
O1B NCC C . -11.03 -6.04 -7.23
O1A NCC C . -9.16 -7.56 -7.71
O1A NCC C . -9.60 -7.55 -7.89
C10 NCC C . -11.09 -8.13 -6.43
C10 NCC C . -11.16 -8.19 -6.22
O6 NCC C . -10.43 -9.46 -6.48
O6 NCC C . -10.38 -9.44 -6.33
C12 NCC C . -10.80 -10.41 -5.42
C12 NCC C . -10.80 -10.43 -5.33
C13 NCC C . -9.89 -11.61 -5.52
C13 NCC C . -9.92 -11.64 -5.47
O7 NCC C . -8.56 -11.23 -5.24
O7 NCC C . -8.59 -11.27 -5.19
C14 NCC C . -9.96 -12.17 -6.94
C14 NCC C . -9.98 -12.16 -6.91
O8 NCC C . -11.24 -12.69 -7.20
O8 NCC C . -11.25 -12.67 -7.18
C15 NCC C . -8.93 -13.30 -7.06
C15 NCC C . -8.93 -13.26 -7.07
O9 NCC C . -9.33 -14.39 -6.29
O9 NCC C . -9.31 -14.37 -6.29
C16 NCC C . -10.74 -9.77 -4.05
C16 NCC C . -10.70 -9.85 -3.92
N5 NCC C . -11.19 -10.77 -3.03
N5 NCC C . -11.20 -10.84 -2.93
C17 NCC C . -10.22 -11.43 -2.17
C17 NCC C . -10.24 -11.54 -2.11
O10 NCC C . -9.07 -11.17 -2.30
O10 NCC C . -9.08 -11.32 -2.25
C18 NCC C . -10.68 -12.45 -1.15
C18 NCC C . -10.70 -12.57 -1.08
C19 NCC C . -11.67 -8.62 -3.99
C19 NCC C . -11.52 -8.62 -3.82
O4 NCC C . -11.56 -8.00 -2.67
O4 NCC C . -11.40 -8.06 -2.48
C20 NCC C . -11.37 -7.60 -5.01
C20 NCC C . -11.10 -7.61 -4.82
C1 PEG D . 11.89 -9.43 -9.50
O1 PEG D . 11.25 -8.77 -8.44
C2 PEG D . 10.97 -10.54 -10.00
O2 PEG D . 11.74 -11.64 -10.41
C3 PEG D . 11.25 -12.25 -11.58
C4 PEG D . 11.44 -13.76 -11.48
O4 PEG D . 11.17 -14.18 -10.16
O3P NCC E . 14.53 4.97 8.51
O3P NCC E . 16.13 5.17 7.32
P NCC E . 15.14 5.90 7.47
P NCC E . 15.28 6.34 6.89
O2P NCC E . 14.02 6.17 6.27
O2P NCC E . 13.69 5.92 6.90
O1P NCC E . 16.49 5.34 7.10
O1P NCC E . 15.81 6.89 5.59
O5' NCC E . 15.38 7.29 8.21
O5' NCC E . 15.45 7.47 7.99
C5' NCC E . 15.04 7.46 9.57
C5' NCC E . 14.92 7.28 9.30
C4' NCC E . 13.91 8.45 9.72
C4' NCC E . 13.87 8.31 9.60
O4' NCC E . 14.47 9.79 9.71
O4' NCC E . 14.50 9.61 9.65
C1' NCC E . 13.53 10.69 9.19
C1' NCC E . 13.59 10.59 9.22
N1 NCC E . 14.21 11.48 8.13
N1 NCC E . 14.25 11.40 8.17
C6 NCC E . 15.17 10.91 7.42
C6 NCC E . 15.21 10.86 7.43
C5 NCC E . 15.81 11.62 6.44
C5 NCC E . 15.82 11.59 6.46
C4 NCC E . 15.45 12.91 6.22
C4 NCC E . 15.44 12.88 6.27
N4 NCC E . 16.13 13.67 5.19
N4 NCC E . 16.09 13.68 5.24
N3 NCC E . 14.50 13.47 6.94
N3 NCC E . 14.49 13.42 7.00
C2 NCC E . 13.87 12.77 7.90
C2 NCC E . 13.88 12.68 7.97
O2 NCC E . 13.02 13.27 8.55
O2 NCC E . 13.04 13.16 8.64
C2' NCC E . 12.34 9.90 8.65
C2' NCC E . 12.32 9.90 8.70
O2' NCC E . 11.27 9.96 9.59
O2' NCC E . 11.32 9.97 9.70
C3' NCC E . 12.91 8.48 8.58
C3' NCC E . 12.80 8.46 8.53
O3' NCC E . 11.92 7.47 8.71
O3' NCC E . 11.76 7.49 8.67
C9 NCC E . 12.21 4.71 6.83
C9 NCC E . 12.00 4.38 6.68
O1B NCC E . 12.22 3.52 7.25
O1B NCC E . 12.08 3.17 7.02
O1A NCC E . 11.39 5.55 7.27
O1A NCC E . 10.98 5.06 6.94
C10 NCC E . 13.19 5.14 5.79
C10 NCC E . 13.12 5.03 5.95
O6 NCC E . 14.02 3.97 5.43
O6 NCC E . 14.09 3.97 5.56
C12 NCC E . 14.89 4.24 4.27
C12 NCC E . 14.87 4.23 4.33
C13 NCC E . 15.59 2.96 3.91
C13 NCC E . 15.56 2.94 3.95
O7 NCC E . 14.64 2.00 3.55
O7 NCC E . 14.60 1.99 3.60
C14 NCC E . 16.38 2.45 5.12
C14 NCC E . 16.38 2.42 5.13
O8 NCC E . 17.40 3.35 5.44
O8 NCC E . 17.39 3.33 5.44
C15 NCC E . 16.97 1.09 4.77
C15 NCC E . 16.98 1.07 4.76
O9 NCC E . 17.87 1.25 3.71
O9 NCC E . 17.89 1.26 3.70
C16 NCC E . 14.07 4.75 3.08
C16 NCC E . 14.05 4.77 3.19
N5 NCC E . 15.01 5.11 1.98
N5 NCC E . 14.96 5.11 2.06
C17 NCC E . 15.16 4.22 0.84
C17 NCC E . 15.10 4.23 0.91
O10 NCC E . 14.54 3.21 0.79
O10 NCC E . 14.48 3.22 0.86
C18 NCC E . 16.12 4.58 -0.29
C18 NCC E . 16.04 4.61 -0.23
C19 NCC E . 13.28 5.95 3.46
C19 NCC E . 13.35 6.01 3.62
O4 NCC E . 12.46 6.37 2.32
O4 NCC E . 12.52 6.49 2.51
C20 NCC E . 12.40 5.68 4.62
C20 NCC E . 12.50 5.82 4.80
C1 PEG F . 4.57 -16.58 4.33
O1 PEG F . 4.83 -15.37 3.67
C2 PEG F . 5.80 -17.50 4.21
O2 PEG F . 6.91 -16.87 4.79
C3 PEG F . 7.60 -17.67 5.71
C4 PEG F . 8.66 -18.51 4.98
O4 PEG F . 9.58 -17.67 4.34
#